data_7SE4
#
_entry.id   7SE4
#
_cell.length_a   106.204
_cell.length_b   106.204
_cell.length_c   92.310
_cell.angle_alpha   90.000
_cell.angle_beta   90.000
_cell.angle_gamma   120.000
#
_symmetry.space_group_name_H-M   'H 3'
#
loop_
_entity.id
_entity.type
_entity.pdbx_description
1 polymer "DNA (5'-D(*GP*AP*GP*CP*AP*GP*CP*CP*TP*GP*TP*(5IU)P*TP*GP*GP*AP*CP*AP*TP*CP*A)-3')"
2 polymer "DNA (5'-D(P*CP*CP*AP*CP*AP*CP*A)-3')"
3 polymer "DNA (5'-D(P*GP*GP*CP*TP*GP*CP*T)-3')"
4 polymer "DNA (5'-D(P*CP*TP*GP*AP*TP*GP*T)-3')"
5 non-polymer 'MERCURY (II) ION'
#
loop_
_entity_poly.entity_id
_entity_poly.type
_entity_poly.pdbx_seq_one_letter_code
_entity_poly.pdbx_strand_id
1 'polydeoxyribonucleotide'
;(DG)(DA)(DG)(DC)(DA)(DG)(DC)(DC)(DT)(DG)(DT)(5IU)(DT)(DG)(DG)(DA)(DC)(DA)(DT)
(DC)(DA)
;
A
2 'polydeoxyribonucleotide' (DC)(DC)(DA)(DC)(DA)(DC)(DA) B
3 'polydeoxyribonucleotide' (DG)(DG)(DC)(DT)(DG)(DC)(DT) C
4 'polydeoxyribonucleotide' (DC)(DT)(DG)(DA)(DT)(DG)(DT) D
#